data_3EOZ
#
_entry.id   3EOZ
#
_cell.length_a   116.244
_cell.length_b   116.244
_cell.length_c   81.986
_cell.angle_alpha   90.000
_cell.angle_beta   90.000
_cell.angle_gamma   90.000
#
_symmetry.space_group_name_H-M   'P 43 21 2'
#
loop_
_entity.id
_entity.type
_entity.pdbx_description
1 polymer 'putative Phosphoglycerate mutase'
2 non-polymer GLYCEROL
3 non-polymer 'PHOSPHATE ION'
4 water water
#
_entity_poly.entity_id   1
_entity_poly.type   'polypeptide(L)'
_entity_poly.pdbx_seq_one_letter_code
;(MSE)HHHHHHSSGRENLYFQGNTTKHIILVRHGQYERRYKDDENSKRLTKEGCKQADITGKKLKDILNNKKVSVIYHSD
(MSE)IRAKETANIISKYFPDANLINDPNLNEGTPYLPDPLPRHSKFDAQKIKEDNKRINKAYETYFYKPSGDEDEYQLV
ICHGNVIRYFLCRALQIPLFAWLRFSSYNCGITWLVLDDEGSVVLREFGSVSHLPFESVTYF
;
_entity_poly.pdbx_strand_id   A,B
#
loop_
_chem_comp.id
_chem_comp.type
_chem_comp.name
_chem_comp.formula
GOL non-polymer GLYCEROL 'C3 H8 O3'
PO4 non-polymer 'PHOSPHATE ION' 'O4 P -3'
#
# COMPACT_ATOMS: atom_id res chain seq x y z
N ASN A 19 -21.88 -24.49 -1.13
CA ASN A 19 -22.34 -24.25 -2.53
C ASN A 19 -21.18 -23.93 -3.50
N THR A 20 -21.50 -23.74 -4.77
CA THR A 20 -20.49 -23.59 -5.83
C THR A 20 -19.85 -22.19 -5.84
N THR A 21 -18.53 -22.14 -6.06
CA THR A 21 -17.81 -20.87 -5.95
C THR A 21 -16.80 -20.69 -7.05
N LYS A 22 -16.68 -19.44 -7.50
CA LYS A 22 -15.62 -19.01 -8.40
C LYS A 22 -14.57 -18.18 -7.61
N HIS A 23 -13.29 -18.48 -7.84
CA HIS A 23 -12.18 -17.79 -7.18
C HIS A 23 -11.46 -16.98 -8.21
N ILE A 24 -11.57 -15.66 -8.11
CA ILE A 24 -10.93 -14.75 -9.04
C ILE A 24 -9.69 -14.19 -8.34
N ILE A 25 -8.55 -14.77 -8.66
CA ILE A 25 -7.31 -14.41 -8.00
C ILE A 25 -6.59 -13.35 -8.84
N LEU A 26 -6.66 -12.10 -8.36
CA LEU A 26 -6.04 -10.98 -9.05
C LEU A 26 -4.57 -10.96 -8.69
N VAL A 27 -3.71 -10.95 -9.72
CA VAL A 27 -2.27 -10.97 -9.53
C VAL A 27 -1.66 -9.71 -10.13
N ARG A 28 -1.06 -8.90 -9.25
CA ARG A 28 -0.39 -7.68 -9.68
C ARG A 28 0.96 -8.02 -10.31
N HIS A 29 1.27 -7.42 -11.46
CA HIS A 29 2.61 -7.51 -12.07
C HIS A 29 3.56 -6.38 -11.66
N GLY A 30 3.02 -5.28 -11.11
CA GLY A 30 3.86 -4.18 -10.58
C GLY A 30 4.88 -4.57 -9.52
N THR A 46 12.14 -7.26 -15.68
CA THR A 46 13.39 -7.27 -14.91
C THR A 46 13.75 -8.66 -14.44
N LYS A 47 15.05 -8.94 -14.33
CA LYS A 47 15.53 -10.24 -13.87
C LYS A 47 15.01 -10.64 -12.48
N GLU A 48 14.98 -9.67 -11.58
CA GLU A 48 14.39 -9.87 -10.24
C GLU A 48 12.87 -9.88 -10.35
N GLY A 49 12.33 -9.06 -11.26
CA GLY A 49 10.91 -9.12 -11.59
C GLY A 49 10.51 -10.53 -11.96
N CYS A 50 11.33 -11.17 -12.80
CA CYS A 50 11.07 -12.54 -13.23
C CYS A 50 11.12 -13.51 -12.08
N LYS A 51 12.14 -13.39 -11.24
CA LYS A 51 12.25 -14.23 -10.04
C LYS A 51 10.96 -14.19 -9.19
N GLN A 52 10.36 -13.00 -9.05
CA GLN A 52 9.22 -12.81 -8.17
C GLN A 52 7.93 -13.34 -8.76
N ALA A 53 7.70 -13.10 -10.05
CA ALA A 53 6.60 -13.75 -10.74
C ALA A 53 6.67 -15.28 -10.51
N ASP A 54 7.87 -15.83 -10.62
CA ASP A 54 8.10 -17.25 -10.46
C ASP A 54 7.80 -17.73 -9.04
N ILE A 55 8.18 -16.96 -8.02
CA ILE A 55 7.89 -17.31 -6.61
C ILE A 55 6.39 -17.18 -6.31
N THR A 56 5.76 -16.13 -6.84
CA THR A 56 4.31 -16.05 -6.78
C THR A 56 3.66 -17.28 -7.39
N GLY A 57 4.12 -17.65 -8.58
CA GLY A 57 3.63 -18.84 -9.28
C GLY A 57 3.70 -20.06 -8.40
N LYS A 58 4.86 -20.25 -7.77
CA LYS A 58 5.06 -21.35 -6.82
C LYS A 58 4.13 -21.26 -5.64
N LYS A 59 3.95 -20.05 -5.11
CA LYS A 59 3.15 -19.86 -3.91
C LYS A 59 1.66 -20.16 -4.15
N LEU A 60 1.15 -19.68 -5.27
CA LEU A 60 -0.21 -20.00 -5.66
C LEU A 60 -0.40 -21.51 -5.83
N LYS A 61 0.64 -22.19 -6.30
CA LYS A 61 0.58 -23.62 -6.51
C LYS A 61 0.61 -24.39 -5.20
N ASP A 62 1.44 -23.95 -4.23
CA ASP A 62 1.38 -24.56 -2.89
C ASP A 62 -0.07 -24.52 -2.36
N ILE A 63 -0.74 -23.39 -2.52
CA ILE A 63 -2.11 -23.23 -2.00
C ILE A 63 -3.15 -23.97 -2.84
N LEU A 64 -3.16 -23.73 -4.14
CA LEU A 64 -4.15 -24.37 -5.03
C LEU A 64 -3.90 -25.87 -5.14
N ASN A 65 -2.67 -26.31 -4.93
CA ASN A 65 -2.34 -27.73 -4.78
C ASN A 65 -2.92 -28.61 -5.93
N ASN A 66 -3.70 -29.63 -5.56
CA ASN A 66 -4.63 -30.33 -6.44
C ASN A 66 -5.35 -29.51 -7.51
N LYS A 67 -6.01 -28.41 -7.11
CA LYS A 67 -7.03 -27.72 -7.94
C LYS A 67 -6.55 -27.30 -9.31
N LYS A 68 -7.49 -27.17 -10.23
CA LYS A 68 -7.24 -26.78 -11.60
C LYS A 68 -7.55 -25.29 -11.76
N VAL A 69 -6.61 -24.52 -12.27
CA VAL A 69 -6.95 -23.19 -12.73
C VAL A 69 -7.32 -23.36 -14.20
N SER A 70 -8.55 -22.99 -14.55
CA SER A 70 -9.03 -23.18 -15.90
C SER A 70 -8.39 -22.18 -16.84
N VAL A 71 -8.09 -20.99 -16.33
CA VAL A 71 -7.68 -19.91 -17.20
C VAL A 71 -6.89 -18.82 -16.48
N ILE A 72 -5.89 -18.30 -17.17
CA ILE A 72 -5.08 -17.22 -16.70
C ILE A 72 -5.31 -16.04 -17.64
N TYR A 73 -6.16 -15.11 -17.23
CA TYR A 73 -6.40 -13.89 -17.99
C TYR A 73 -5.29 -12.90 -17.76
N HIS A 74 -5.05 -12.05 -18.76
CA HIS A 74 -4.06 -11.00 -18.58
C HIS A 74 -4.30 -9.84 -19.55
N SER A 75 -3.73 -8.68 -19.20
CA SER A 75 -3.83 -7.50 -20.03
C SER A 75 -2.86 -7.60 -21.21
N ASP A 76 -2.93 -6.61 -22.09
CA ASP A 76 -2.11 -6.57 -23.29
C ASP A 76 -0.69 -6.08 -22.97
N MSE A 77 -0.50 -5.48 -21.80
CA MSE A 77 0.81 -4.98 -21.38
C MSE A 77 1.88 -6.07 -21.44
O MSE A 77 1.58 -7.24 -21.19
CB MSE A 77 0.77 -4.45 -19.93
CG MSE A 77 -0.33 -3.43 -19.63
SE MSE A 77 -0.39 -2.02 -20.98
CE MSE A 77 1.47 -1.37 -20.77
N ILE A 78 3.10 -5.68 -21.76
CA ILE A 78 4.21 -6.62 -21.85
C ILE A 78 4.44 -7.34 -20.52
N ARG A 79 4.48 -6.58 -19.42
CA ARG A 79 4.76 -7.14 -18.09
C ARG A 79 3.69 -8.13 -17.61
N ALA A 80 2.43 -7.87 -17.96
CA ALA A 80 1.33 -8.78 -17.65
C ALA A 80 1.53 -10.13 -18.34
N LYS A 81 1.81 -10.09 -19.65
CA LYS A 81 2.07 -11.29 -20.46
C LYS A 81 3.28 -12.08 -19.94
N GLU A 82 4.33 -11.34 -19.61
CA GLU A 82 5.53 -11.92 -19.08
C GLU A 82 5.20 -12.65 -17.81
N THR A 83 4.47 -11.98 -16.93
CA THR A 83 4.09 -12.54 -15.63
C THR A 83 3.21 -13.78 -15.79
N ALA A 84 2.19 -13.62 -16.63
CA ALA A 84 1.30 -14.69 -17.02
C ALA A 84 2.12 -15.89 -17.52
N ASN A 85 3.05 -15.66 -18.44
CA ASN A 85 3.90 -16.74 -18.95
C ASN A 85 4.72 -17.42 -17.86
N ILE A 86 5.37 -16.66 -16.99
CA ILE A 86 6.15 -17.28 -15.91
C ILE A 86 5.26 -18.12 -14.99
N ILE A 87 4.09 -17.59 -14.63
CA ILE A 87 3.24 -18.25 -13.66
C ILE A 87 2.62 -19.51 -14.26
N SER A 88 2.19 -19.43 -15.52
CA SER A 88 1.58 -20.55 -16.27
C SER A 88 2.37 -21.87 -16.26
N LYS A 89 3.67 -21.81 -15.97
CA LYS A 89 4.49 -22.99 -15.73
C LYS A 89 3.89 -23.97 -14.71
N TYR A 90 3.26 -23.43 -13.68
CA TYR A 90 2.70 -24.29 -12.62
C TYR A 90 1.27 -24.67 -12.93
N PHE A 91 0.72 -24.10 -13.99
CA PHE A 91 -0.65 -24.41 -14.44
C PHE A 91 -0.64 -24.66 -15.96
N PRO A 92 0.08 -25.72 -16.40
CA PRO A 92 0.24 -26.03 -17.82
C PRO A 92 -1.07 -26.24 -18.57
N ASP A 93 -2.08 -26.78 -17.89
CA ASP A 93 -3.39 -27.02 -18.49
C ASP A 93 -4.34 -25.82 -18.45
N ALA A 94 -3.88 -24.70 -17.91
CA ALA A 94 -4.70 -23.48 -17.90
C ALA A 94 -4.66 -22.83 -19.26
N ASN A 95 -5.80 -22.32 -19.71
CA ASN A 95 -5.82 -21.54 -20.94
C ASN A 95 -5.37 -20.14 -20.66
N LEU A 96 -4.64 -19.57 -21.60
CA LEU A 96 -4.08 -18.27 -21.41
C LEU A 96 -4.85 -17.31 -22.30
N ILE A 97 -5.50 -16.31 -21.71
CA ILE A 97 -6.34 -15.42 -22.48
C ILE A 97 -5.89 -13.97 -22.30
N ASN A 98 -5.68 -13.29 -23.42
CA ASN A 98 -5.29 -11.89 -23.42
C ASN A 98 -6.55 -11.04 -23.55
N ASP A 99 -6.79 -10.17 -22.57
CA ASP A 99 -7.92 -9.26 -22.63
C ASP A 99 -7.40 -7.82 -22.59
N PRO A 100 -7.41 -7.14 -23.74
CA PRO A 100 -6.92 -5.76 -23.75
C PRO A 100 -7.78 -4.79 -22.93
N ASN A 101 -8.99 -5.20 -22.56
CA ASN A 101 -9.82 -4.41 -21.62
C ASN A 101 -9.19 -4.23 -20.24
N LEU A 102 -8.38 -5.19 -19.81
CA LEU A 102 -7.68 -5.08 -18.53
C LEU A 102 -6.62 -3.98 -18.50
N ASN A 103 -6.15 -3.55 -19.67
CA ASN A 103 -5.17 -2.47 -19.77
C ASN A 103 -5.49 -1.31 -18.85
N GLU A 104 -4.48 -0.85 -18.10
CA GLU A 104 -4.70 0.09 -17.01
C GLU A 104 -4.86 1.54 -17.45
N GLY A 105 -5.59 2.30 -16.63
CA GLY A 105 -5.54 3.76 -16.59
C GLY A 105 -5.47 4.18 -15.14
N THR A 106 -5.66 5.47 -14.86
CA THR A 106 -5.97 5.98 -13.51
C THR A 106 -4.79 6.06 -12.53
N LYS A 129 -13.76 4.29 -18.72
CA LYS A 129 -14.66 3.31 -18.14
C LYS A 129 -15.05 2.18 -19.11
N ARG A 130 -14.07 1.73 -19.91
CA ARG A 130 -14.14 0.42 -20.61
C ARG A 130 -13.74 -0.71 -19.66
N ILE A 131 -13.18 -0.35 -18.51
CA ILE A 131 -12.85 -1.28 -17.43
C ILE A 131 -14.12 -1.96 -16.89
N ASN A 132 -15.25 -1.27 -16.99
CA ASN A 132 -16.53 -1.85 -16.63
C ASN A 132 -16.84 -3.09 -17.47
N LYS A 133 -16.49 -3.02 -18.75
CA LYS A 133 -16.58 -4.18 -19.64
C LYS A 133 -15.84 -5.35 -18.98
N ALA A 134 -14.57 -5.11 -18.65
CA ALA A 134 -13.70 -6.11 -18.03
C ALA A 134 -14.25 -6.62 -16.68
N TYR A 135 -14.59 -5.73 -15.77
CA TYR A 135 -15.17 -6.17 -14.50
C TYR A 135 -16.37 -7.07 -14.77
N GLU A 136 -17.32 -6.51 -15.54
CA GLU A 136 -18.56 -7.21 -15.89
C GLU A 136 -18.28 -8.62 -16.39
N THR A 137 -17.23 -8.77 -17.19
CA THR A 137 -16.81 -10.06 -17.74
C THR A 137 -16.39 -11.10 -16.71
N TYR A 138 -15.62 -10.68 -15.71
CA TYR A 138 -15.04 -11.63 -14.77
C TYR A 138 -15.88 -11.83 -13.53
N PHE A 139 -16.62 -10.82 -13.13
CA PHE A 139 -17.27 -10.86 -11.83
C PHE A 139 -18.76 -11.15 -11.93
N TYR A 140 -19.11 -12.16 -12.73
CA TYR A 140 -20.49 -12.63 -12.82
C TYR A 140 -20.60 -13.89 -11.97
N LYS A 141 -21.74 -14.10 -11.35
CA LYS A 141 -21.94 -15.27 -10.48
C LYS A 141 -21.71 -16.55 -11.28
N PRO A 142 -21.06 -17.56 -10.66
CA PRO A 142 -20.90 -18.84 -11.35
C PRO A 142 -22.22 -19.59 -11.31
N SER A 143 -22.40 -20.55 -12.21
CA SER A 143 -23.56 -21.46 -12.15
C SER A 143 -23.06 -22.90 -12.28
N GLY A 144 -23.96 -23.85 -12.13
CA GLY A 144 -23.58 -25.27 -12.21
C GLY A 144 -22.98 -25.73 -10.89
N ASP A 145 -22.44 -26.94 -10.88
CA ASP A 145 -22.01 -27.56 -9.65
C ASP A 145 -20.52 -27.86 -9.57
N GLU A 146 -19.71 -27.16 -10.37
CA GLU A 146 -18.25 -27.33 -10.35
C GLU A 146 -17.59 -26.02 -9.96
N ASP A 147 -16.76 -26.06 -8.91
CA ASP A 147 -15.96 -24.89 -8.49
C ASP A 147 -14.97 -24.52 -9.58
N GLU A 148 -14.62 -23.24 -9.64
CA GLU A 148 -13.67 -22.75 -10.62
C GLU A 148 -12.64 -21.80 -10.00
N TYR A 149 -11.43 -21.85 -10.53
CA TYR A 149 -10.29 -21.03 -10.10
C TYR A 149 -9.65 -20.36 -11.31
N GLN A 150 -9.68 -19.04 -11.36
CA GLN A 150 -8.93 -18.36 -12.39
C GLN A 150 -8.05 -17.25 -11.88
N LEU A 151 -7.06 -16.94 -12.71
CA LEU A 151 -6.05 -15.97 -12.44
C LEU A 151 -6.32 -14.82 -13.37
N VAL A 152 -6.20 -13.60 -12.84
CA VAL A 152 -6.31 -12.38 -13.64
C VAL A 152 -5.10 -11.51 -13.33
N ILE A 153 -4.19 -11.42 -14.30
CA ILE A 153 -2.94 -10.72 -14.11
C ILE A 153 -3.06 -9.32 -14.65
N CYS A 154 -2.87 -8.32 -13.79
CA CYS A 154 -3.15 -6.94 -14.18
C CYS A 154 -2.48 -5.91 -13.28
N HIS A 155 -2.84 -4.65 -13.50
CA HIS A 155 -2.24 -3.53 -12.80
C HIS A 155 -2.99 -3.20 -11.52
N GLY A 156 -2.27 -2.62 -10.59
CA GLY A 156 -2.81 -2.19 -9.31
C GLY A 156 -4.07 -1.37 -9.34
N ASN A 157 -4.11 -0.34 -10.19
CA ASN A 157 -5.33 0.48 -10.38
C ASN A 157 -6.56 -0.36 -10.73
N VAL A 158 -6.37 -1.35 -11.59
CA VAL A 158 -7.49 -2.21 -11.98
C VAL A 158 -7.86 -3.14 -10.83
N ILE A 159 -6.84 -3.63 -10.12
CA ILE A 159 -7.04 -4.49 -8.95
C ILE A 159 -7.85 -3.76 -7.88
N ARG A 160 -7.43 -2.53 -7.55
CA ARG A 160 -8.14 -1.73 -6.55
C ARG A 160 -9.59 -1.39 -6.95
N TYR A 161 -9.81 -1.19 -8.24
CA TYR A 161 -11.15 -0.93 -8.72
C TYR A 161 -12.00 -2.19 -8.57
N PHE A 162 -11.48 -3.33 -9.03
CA PHE A 162 -12.20 -4.59 -8.91
C PHE A 162 -12.50 -4.94 -7.44
N LEU A 163 -11.51 -4.70 -6.58
CA LEU A 163 -11.65 -4.90 -5.13
C LEU A 163 -12.77 -4.08 -4.53
N CYS A 164 -12.81 -2.79 -4.84
CA CYS A 164 -13.89 -1.93 -4.30
C CYS A 164 -15.26 -2.26 -4.87
N ARG A 165 -15.33 -2.48 -6.17
CA ARG A 165 -16.59 -2.80 -6.80
C ARG A 165 -17.15 -4.15 -6.35
N ALA A 166 -16.31 -5.19 -6.35
CA ALA A 166 -16.75 -6.53 -5.98
C ALA A 166 -17.20 -6.61 -4.54
N LEU A 167 -16.51 -5.88 -3.66
CA LEU A 167 -16.85 -5.85 -2.25
C LEU A 167 -17.77 -4.71 -1.89
N GLN A 168 -18.16 -3.90 -2.89
CA GLN A 168 -19.10 -2.79 -2.69
C GLN A 168 -18.60 -1.82 -1.61
N ILE A 169 -17.36 -1.38 -1.73
CA ILE A 169 -16.79 -0.47 -0.76
C ILE A 169 -17.32 0.92 -1.05
N PRO A 170 -17.98 1.56 -0.07
CA PRO A 170 -18.53 2.87 -0.32
C PRO A 170 -17.51 3.99 -0.39
N LEU A 171 -17.91 5.04 -1.09
CA LEU A 171 -17.10 6.22 -1.29
C LEU A 171 -16.32 6.69 -0.05
N PHE A 172 -16.96 6.65 1.12
CA PHE A 172 -16.33 7.18 2.33
C PHE A 172 -15.18 6.31 2.84
N ALA A 173 -14.96 5.17 2.19
CA ALA A 173 -13.88 4.25 2.54
C ALA A 173 -12.84 4.10 1.41
N TRP A 174 -13.10 4.66 0.23
CA TRP A 174 -12.18 4.57 -0.90
C TRP A 174 -10.77 5.05 -0.55
N LEU A 175 -10.67 6.22 0.04
CA LEU A 175 -9.37 6.78 0.36
C LEU A 175 -8.54 5.80 1.18
N ARG A 176 -9.17 5.12 2.12
CA ARG A 176 -8.47 4.16 2.95
C ARG A 176 -7.99 2.99 2.11
N PHE A 177 -8.82 2.55 1.16
CA PHE A 177 -8.49 1.40 0.33
C PHE A 177 -7.47 1.73 -0.74
N SER A 178 -7.27 3.01 -1.04
CA SER A 178 -6.36 3.40 -2.09
C SER A 178 -4.89 3.05 -1.77
N SER A 179 -4.56 2.78 -0.52
CA SER A 179 -3.19 2.35 -0.19
C SER A 179 -2.97 0.86 -0.36
N TYR A 180 -4.01 0.13 -0.74
CA TYR A 180 -3.92 -1.31 -1.01
C TYR A 180 -2.93 -1.60 -2.13
N ASN A 181 -2.00 -2.50 -1.86
CA ASN A 181 -0.96 -2.79 -2.82
C ASN A 181 -0.42 -4.19 -2.57
N CYS A 182 -1.32 -5.15 -2.59
CA CYS A 182 -0.95 -6.54 -2.29
C CYS A 182 -0.75 -7.33 -3.58
N GLY A 183 0.23 -8.23 -3.57
CA GLY A 183 0.56 -9.01 -4.76
C GLY A 183 -0.57 -9.91 -5.21
N ILE A 184 -1.29 -10.52 -4.26
CA ILE A 184 -2.42 -11.40 -4.54
C ILE A 184 -3.69 -10.83 -3.93
N THR A 185 -4.78 -10.85 -4.69
CA THR A 185 -6.08 -10.43 -4.21
C THR A 185 -7.09 -11.52 -4.61
N TRP A 186 -7.33 -12.43 -3.67
CA TRP A 186 -8.12 -13.62 -3.87
C TRP A 186 -9.59 -13.40 -3.48
N LEU A 187 -10.44 -13.13 -4.49
CA LEU A 187 -11.84 -12.86 -4.24
C LEU A 187 -12.67 -14.10 -4.54
N VAL A 188 -13.65 -14.38 -3.69
CA VAL A 188 -14.49 -15.55 -3.91
C VAL A 188 -15.95 -15.13 -4.15
N LEU A 189 -16.50 -15.55 -5.30
CA LEU A 189 -17.89 -15.32 -5.73
C LEU A 189 -18.69 -16.61 -5.65
N ASP A 190 -19.85 -16.61 -4.99
CA ASP A 190 -20.68 -17.82 -4.94
C ASP A 190 -21.94 -17.73 -5.81
N ASP A 191 -22.61 -18.87 -5.96
CA ASP A 191 -23.81 -18.98 -6.81
C ASP A 191 -24.92 -17.98 -6.48
N GLU A 192 -24.99 -17.57 -5.21
CA GLU A 192 -25.97 -16.57 -4.75
CA GLU A 192 -25.98 -16.58 -4.75
C GLU A 192 -25.53 -15.11 -4.94
N GLY A 193 -24.49 -14.87 -5.72
CA GLY A 193 -24.00 -13.48 -5.99
C GLY A 193 -23.18 -12.78 -4.89
N SER A 194 -22.74 -13.54 -3.91
CA SER A 194 -22.04 -13.01 -2.76
C SER A 194 -20.50 -13.02 -2.92
N VAL A 195 -19.82 -11.92 -2.56
CA VAL A 195 -18.34 -11.86 -2.64
C VAL A 195 -17.63 -11.72 -1.29
N VAL A 196 -16.62 -12.57 -1.06
CA VAL A 196 -15.71 -12.47 0.11
C VAL A 196 -14.25 -12.35 -0.33
N LEU A 197 -13.43 -11.73 0.51
CA LEU A 197 -12.00 -11.66 0.30
C LEU A 197 -11.31 -12.68 1.20
N ARG A 198 -10.53 -13.57 0.62
CA ARG A 198 -9.71 -14.43 1.46
C ARG A 198 -8.24 -14.13 1.31
N GLU A 199 -7.52 -14.32 2.41
CA GLU A 199 -6.14 -13.90 2.56
C GLU A 199 -5.36 -15.04 3.17
N PHE A 200 -4.28 -15.42 2.54
CA PHE A 200 -3.43 -16.48 3.01
C PHE A 200 -2.12 -15.90 3.49
N GLY A 201 -1.72 -16.30 4.69
CA GLY A 201 -0.42 -15.90 5.24
C GLY A 201 0.71 -16.14 4.27
N SER A 202 0.74 -17.31 3.66
CA SER A 202 1.86 -17.72 2.81
C SER A 202 2.11 -16.84 1.59
N VAL A 203 1.10 -16.14 1.09
CA VAL A 203 1.32 -15.15 0.02
C VAL A 203 1.33 -13.67 0.49
N SER A 204 1.28 -13.43 1.79
CA SER A 204 1.35 -12.07 2.29
C SER A 204 2.81 -11.65 2.43
N HIS A 205 3.08 -10.38 2.19
CA HIS A 205 4.42 -9.82 2.33
C HIS A 205 4.64 -9.44 3.81
N LEU A 206 5.30 -10.34 4.55
CA LEU A 206 5.58 -10.15 5.98
C LEU A 206 7.09 -10.15 6.27
N PRO A 207 7.51 -9.42 7.31
CA PRO A 207 8.95 -9.49 7.67
C PRO A 207 9.31 -10.87 8.20
N PHE A 208 10.51 -11.36 7.91
CA PHE A 208 10.88 -12.70 8.37
C PHE A 208 11.64 -12.64 9.71
N GLU A 209 12.18 -11.48 10.05
CA GLU A 209 12.97 -11.35 11.27
C GLU A 209 12.98 -9.92 11.84
N SER A 210 12.88 -9.80 13.16
CA SER A 210 13.03 -8.53 13.84
C SER A 210 14.02 -8.66 14.98
N VAL A 211 14.73 -7.56 15.26
CA VAL A 211 15.57 -7.46 16.43
C VAL A 211 15.14 -6.21 17.19
N THR A 212 14.94 -6.34 18.50
CA THR A 212 14.37 -5.27 19.29
C THR A 212 15.22 -4.98 20.54
N TYR A 213 15.46 -3.68 20.77
CA TYR A 213 16.27 -3.16 21.87
C TYR A 213 15.40 -2.29 22.78
N PHE A 214 15.59 -2.45 24.08
CA PHE A 214 14.95 -1.59 25.05
C PHE A 214 16.00 -0.86 25.85
N THR B 21 20.52 1.27 -2.82
CA THR B 21 20.02 1.98 -1.60
C THR B 21 19.01 3.08 -2.00
N LYS B 22 18.13 3.39 -1.06
CA LYS B 22 17.25 4.54 -1.07
C LYS B 22 16.74 4.54 0.36
N HIS B 23 16.98 5.62 1.10
CA HIS B 23 16.50 5.67 2.49
C HIS B 23 15.44 6.75 2.69
N ILE B 24 14.46 6.43 3.51
CA ILE B 24 13.32 7.31 3.71
C ILE B 24 13.07 7.33 5.20
N ILE B 25 12.77 8.52 5.72
CA ILE B 25 12.49 8.67 7.13
C ILE B 25 11.19 9.40 7.33
N LEU B 26 10.25 8.73 7.97
CA LEU B 26 8.93 9.29 8.24
C LEU B 26 8.86 9.60 9.72
N VAL B 27 8.33 10.78 10.07
CA VAL B 27 8.26 11.23 11.45
C VAL B 27 6.85 11.67 11.72
N ARG B 28 6.18 11.05 12.70
CA ARG B 28 4.81 11.38 13.10
CA ARG B 28 4.81 11.45 13.01
C ARG B 28 4.77 12.66 13.95
N HIS B 29 3.62 13.34 13.96
CA HIS B 29 3.37 14.44 14.90
C HIS B 29 3.52 13.97 16.36
N ARG B 44 -5.66 24.37 16.17
CA ARG B 44 -5.37 22.95 16.33
C ARG B 44 -3.89 22.72 16.64
N LEU B 45 -3.40 23.36 17.70
CA LEU B 45 -1.97 23.36 18.02
C LEU B 45 -1.53 22.12 18.78
N THR B 46 -0.21 21.92 18.82
CA THR B 46 0.38 20.89 19.65
C THR B 46 0.18 21.25 21.13
N LYS B 47 -0.39 20.31 21.89
CA LYS B 47 -0.56 20.47 23.32
C LYS B 47 0.23 19.38 24.01
N GLU B 48 1.45 19.69 24.44
CA GLU B 48 2.35 18.71 25.09
C GLU B 48 2.81 17.57 24.13
N GLY B 49 2.25 17.56 22.91
CA GLY B 49 2.90 16.91 21.79
C GLY B 49 4.30 17.46 21.58
N CYS B 50 4.55 18.66 22.13
CA CYS B 50 5.87 19.30 22.11
C CYS B 50 6.92 18.44 22.78
N LYS B 51 6.56 17.82 23.90
CA LYS B 51 7.43 16.86 24.56
C LYS B 51 7.78 15.74 23.58
N GLN B 52 6.74 15.17 22.95
CA GLN B 52 6.92 14.09 21.99
C GLN B 52 7.89 14.59 20.93
N ALA B 53 7.48 15.69 20.30
CA ALA B 53 8.22 16.29 19.19
C ALA B 53 9.67 16.50 19.59
N ASP B 54 9.85 16.99 20.81
CA ASP B 54 11.17 17.30 21.28
C ASP B 54 12.02 16.07 21.59
N ILE B 55 11.43 15.06 22.21
CA ILE B 55 12.15 13.78 22.41
C ILE B 55 12.47 13.11 21.07
N THR B 56 11.50 13.16 20.14
CA THR B 56 11.73 12.68 18.77
C THR B 56 12.93 13.36 18.14
N GLY B 57 12.92 14.70 18.18
CA GLY B 57 14.03 15.52 17.67
C GLY B 57 15.36 15.09 18.24
N LYS B 58 15.39 14.91 19.56
CA LYS B 58 16.59 14.45 20.25
C LYS B 58 17.07 13.13 19.66
N LYS B 59 16.13 12.18 19.56
CA LYS B 59 16.42 10.83 19.03
C LYS B 59 16.95 10.86 17.60
N LEU B 60 16.30 11.66 16.75
CA LEU B 60 16.76 11.86 15.38
C LEU B 60 18.20 12.36 15.35
N LYS B 61 18.50 13.40 16.13
CA LYS B 61 19.88 13.91 16.20
C LYS B 61 20.85 12.80 16.62
N ASP B 62 20.41 11.97 17.56
CA ASP B 62 21.26 10.85 18.00
C ASP B 62 21.49 9.83 16.90
N ILE B 63 20.43 9.44 16.19
CA ILE B 63 20.56 8.37 15.18
C ILE B 63 21.11 8.86 13.82
N LEU B 64 21.05 10.17 13.59
CA LEU B 64 21.62 10.78 12.36
C LEU B 64 22.97 11.50 12.60
N ASN B 65 23.47 11.48 13.82
CA ASN B 65 24.79 12.04 14.14
C ASN B 65 25.84 11.66 13.07
N ASN B 66 26.57 12.67 12.59
CA ASN B 66 27.52 12.50 11.49
C ASN B 66 26.83 12.08 10.19
N LYS B 67 25.77 12.81 9.85
CA LYS B 67 25.13 12.70 8.54
C LYS B 67 24.25 13.91 8.37
N LYS B 68 24.22 14.48 7.16
CA LYS B 68 23.61 15.78 6.95
C LYS B 68 22.11 15.66 6.67
N VAL B 69 21.31 16.39 7.43
CA VAL B 69 19.87 16.53 7.19
C VAL B 69 19.60 17.86 6.48
N SER B 70 19.38 17.80 5.17
CA SER B 70 19.23 19.01 4.36
C SER B 70 17.83 19.61 4.37
N VAL B 71 16.79 18.77 4.43
CA VAL B 71 15.40 19.25 4.41
C VAL B 71 14.51 18.54 5.43
N ILE B 72 13.57 19.28 5.99
CA ILE B 72 12.52 18.73 6.81
C ILE B 72 11.22 19.12 6.12
N TYR B 73 10.46 18.14 5.64
CA TYR B 73 9.20 18.42 4.93
C TYR B 73 8.00 18.36 5.86
N HIS B 74 6.96 19.11 5.54
CA HIS B 74 5.75 19.09 6.36
C HIS B 74 4.54 19.59 5.61
N SER B 75 3.38 19.38 6.20
CA SER B 75 2.12 19.82 5.58
C SER B 75 1.80 21.29 5.95
N ASP B 76 0.66 21.78 5.47
CA ASP B 76 0.16 23.10 5.85
C ASP B 76 -0.33 23.16 7.30
N MSE B 77 -0.61 22.02 7.92
CA MSE B 77 -1.24 21.99 9.24
C MSE B 77 -0.34 22.59 10.30
O MSE B 77 0.88 22.32 10.31
CB MSE B 77 -1.57 20.58 9.68
CG MSE B 77 -2.88 20.04 9.16
SE MSE B 77 -2.98 20.03 7.23
CE MSE B 77 -4.50 21.26 7.01
N ILE B 78 -0.95 23.35 11.20
CA ILE B 78 -0.24 24.09 12.21
C ILE B 78 0.63 23.18 13.04
N ARG B 79 0.03 22.11 13.57
CA ARG B 79 0.79 21.08 14.34
C ARG B 79 1.94 20.42 13.58
N ALA B 80 1.75 20.24 12.27
CA ALA B 80 2.83 19.76 11.41
C ALA B 80 3.98 20.75 11.43
N LYS B 81 3.67 22.00 11.06
CA LYS B 81 4.60 23.14 11.17
C LYS B 81 5.25 23.24 12.54
N GLU B 82 4.43 23.12 13.58
CA GLU B 82 4.91 23.15 14.95
C GLU B 82 5.96 22.07 15.21
N THR B 83 5.62 20.81 14.88
CA THR B 83 6.52 19.67 15.05
C THR B 83 7.80 19.89 14.25
N ALA B 84 7.66 20.36 13.01
CA ALA B 84 8.83 20.70 12.18
C ALA B 84 9.72 21.72 12.89
N ASN B 85 9.11 22.78 13.40
CA ASN B 85 9.83 23.80 14.14
C ASN B 85 10.64 23.21 15.29
N ILE B 86 9.97 22.52 16.21
CA ILE B 86 10.62 21.90 17.36
C ILE B 86 11.76 20.98 16.91
N ILE B 87 11.56 20.27 15.80
CA ILE B 87 12.60 19.36 15.27
C ILE B 87 13.74 20.13 14.62
N SER B 88 13.46 21.27 13.99
CA SER B 88 14.49 22.22 13.48
C SER B 88 15.64 22.44 14.44
N LYS B 89 15.31 22.78 15.68
CA LYS B 89 16.30 23.01 16.72
C LYS B 89 17.46 22.02 16.68
N TYR B 90 17.19 20.76 16.37
CA TYR B 90 18.25 19.73 16.42
C TYR B 90 19.06 19.65 15.11
N PHE B 91 18.56 20.30 14.07
CA PHE B 91 19.24 20.39 12.77
C PHE B 91 19.09 21.85 12.28
N PRO B 92 19.88 22.77 12.87
CA PRO B 92 19.72 24.20 12.56
C PRO B 92 20.04 24.52 11.09
N ASP B 93 20.94 23.73 10.49
CA ASP B 93 21.32 23.91 9.09
C ASP B 93 20.29 23.41 8.07
N ALA B 94 19.16 22.86 8.53
CA ALA B 94 18.22 22.21 7.63
C ALA B 94 17.10 23.17 7.23
N ASN B 95 16.63 23.04 6.00
CA ASN B 95 15.57 23.89 5.49
C ASN B 95 14.19 23.25 5.67
N LEU B 96 13.26 23.97 6.30
CA LEU B 96 11.88 23.53 6.40
C LEU B 96 11.18 23.81 5.07
N ILE B 97 10.64 22.77 4.44
CA ILE B 97 9.86 22.95 3.21
C ILE B 97 8.43 22.47 3.39
N ASN B 98 7.48 23.33 3.01
CA ASN B 98 6.04 23.07 3.08
C ASN B 98 5.59 22.34 1.83
N ASP B 99 4.90 21.22 2.00
CA ASP B 99 4.36 20.44 0.88
C ASP B 99 2.88 20.21 1.16
N PRO B 100 2.01 21.00 0.51
CA PRO B 100 0.57 20.79 0.67
C PRO B 100 0.08 19.38 0.29
N ASN B 101 0.86 18.65 -0.52
CA ASN B 101 0.57 17.24 -0.82
C ASN B 101 0.63 16.30 0.40
N LEU B 102 1.34 16.71 1.46
CA LEU B 102 1.37 16.00 2.75
C LEU B 102 0.14 16.29 3.64
N ASN B 103 -0.77 17.13 3.19
CA ASN B 103 -1.99 17.44 3.96
C ASN B 103 -2.83 16.21 4.22
N GLU B 104 -3.25 16.05 5.47
CA GLU B 104 -4.15 14.97 5.90
C GLU B 104 -5.47 14.96 5.18
N GLY B 105 -5.95 16.13 4.76
CA GLY B 105 -7.24 16.24 4.11
C GLY B 105 -8.42 15.82 4.98
N THR B 106 -9.56 15.63 4.34
CA THR B 106 -10.83 15.64 5.01
C THR B 106 -11.43 14.24 5.24
N PRO B 107 -11.92 13.98 6.45
CA PRO B 107 -12.57 12.71 6.66
C PRO B 107 -13.94 12.73 5.98
N TYR B 108 -14.36 11.61 5.40
CA TYR B 108 -15.66 11.53 4.75
C TYR B 108 -16.52 10.61 5.57
N LEU B 109 -17.81 10.90 5.62
CA LEU B 109 -18.73 10.13 6.40
C LEU B 109 -19.76 9.50 5.48
N PRO B 110 -20.45 8.45 5.97
CA PRO B 110 -21.60 7.94 5.21
C PRO B 110 -22.67 9.04 5.11
N ASP B 111 -23.20 9.25 3.90
CA ASP B 111 -24.02 10.43 3.62
C ASP B 111 -25.12 10.14 2.59
N PRO B 112 -26.41 10.25 3.00
CA PRO B 112 -27.51 9.89 2.10
C PRO B 112 -27.77 10.86 0.94
N LEU B 113 -27.23 12.09 0.99
CA LEU B 113 -27.51 13.11 -0.04
C LEU B 113 -26.59 12.99 -1.28
N PRO B 114 -27.17 12.61 -2.44
CA PRO B 114 -26.31 12.53 -3.64
C PRO B 114 -25.65 13.84 -4.05
N ARG B 115 -26.18 14.96 -3.58
CA ARG B 115 -25.54 16.26 -3.78
C ARG B 115 -24.15 16.25 -3.15
N HIS B 116 -24.04 15.65 -1.97
CA HIS B 116 -22.77 15.49 -1.29
C HIS B 116 -21.86 14.42 -1.89
N SER B 117 -22.46 13.38 -2.47
CA SER B 117 -21.69 12.27 -3.03
C SER B 117 -20.93 12.69 -4.30
N LYS B 118 -21.56 13.49 -5.16
CA LYS B 118 -20.87 14.03 -6.34
C LYS B 118 -19.72 14.95 -5.90
N PHE B 119 -20.05 15.88 -4.99
CA PHE B 119 -19.05 16.75 -4.37
C PHE B 119 -17.89 15.93 -3.78
N ASP B 120 -18.22 14.92 -2.96
CA ASP B 120 -17.22 14.11 -2.27
C ASP B 120 -16.37 13.27 -3.22
N ALA B 121 -17.02 12.56 -4.14
CA ALA B 121 -16.35 11.74 -5.13
C ALA B 121 -15.26 12.54 -5.85
N GLN B 122 -15.49 13.84 -5.94
CA GLN B 122 -14.67 14.69 -6.75
C GLN B 122 -13.49 15.25 -5.97
N LYS B 123 -13.70 15.56 -4.68
CA LYS B 123 -12.59 15.90 -3.80
C LYS B 123 -11.71 14.67 -3.52
N ILE B 124 -12.31 13.48 -3.60
CA ILE B 124 -11.61 12.22 -3.31
C ILE B 124 -10.60 11.96 -4.43
N LYS B 125 -11.05 12.11 -5.66
CA LYS B 125 -10.19 12.13 -6.86
C LYS B 125 -8.91 12.97 -6.64
N GLU B 126 -9.06 14.19 -6.12
CA GLU B 126 -7.97 15.14 -5.94
C GLU B 126 -7.13 14.76 -4.75
N ASP B 127 -7.78 14.29 -3.69
CA ASP B 127 -7.09 13.81 -2.50
C ASP B 127 -6.13 12.69 -2.89
N ASN B 128 -6.61 11.86 -3.83
CA ASN B 128 -5.86 10.74 -4.33
C ASN B 128 -4.64 11.14 -5.17
N LYS B 129 -4.84 12.06 -6.10
CA LYS B 129 -3.72 12.53 -6.92
C LYS B 129 -2.63 13.20 -6.04
N ARG B 130 -3.06 13.87 -4.97
CA ARG B 130 -2.15 14.57 -4.09
C ARG B 130 -1.29 13.64 -3.26
N ILE B 131 -1.93 12.70 -2.56
CA ILE B 131 -1.21 11.74 -1.74
C ILE B 131 -0.32 10.81 -2.61
N ASN B 132 -0.82 10.45 -3.79
CA ASN B 132 -0.02 9.70 -4.75
C ASN B 132 1.22 10.45 -5.21
N LYS B 133 1.05 11.76 -5.45
CA LYS B 133 2.13 12.64 -5.81
C LYS B 133 3.18 12.72 -4.69
N ALA B 134 2.75 12.83 -3.44
CA ALA B 134 3.66 12.85 -2.32
C ALA B 134 4.40 11.52 -2.18
N TYR B 135 3.65 10.42 -2.36
CA TYR B 135 4.23 9.09 -2.24
C TYR B 135 5.40 8.94 -3.22
N GLU B 136 5.18 9.34 -4.46
CA GLU B 136 6.24 9.30 -5.47
C GLU B 136 7.38 10.27 -5.17
N THR B 137 7.06 11.46 -4.66
CA THR B 137 8.07 12.41 -4.32
C THR B 137 9.02 11.78 -3.30
N TYR B 138 8.47 11.24 -2.23
CA TYR B 138 9.29 10.84 -1.10
C TYR B 138 9.76 9.40 -1.21
N PHE B 139 9.06 8.58 -2.00
CA PHE B 139 9.50 7.18 -2.16
C PHE B 139 10.20 6.84 -3.48
N TYR B 140 9.87 7.53 -4.58
CA TYR B 140 10.54 7.24 -5.85
C TYR B 140 11.65 8.23 -6.21
N LYS B 141 11.44 9.50 -5.93
CA LYS B 141 12.34 10.55 -6.42
C LYS B 141 13.79 10.16 -6.08
N PRO B 142 14.64 10.03 -7.12
CA PRO B 142 16.02 9.54 -7.02
C PRO B 142 16.81 10.08 -5.84
N SER B 143 17.58 9.21 -5.20
CA SER B 143 18.35 9.54 -4.00
C SER B 143 19.75 10.00 -4.37
N ASP B 145 23.04 10.59 -3.67
CA ASP B 145 23.08 11.32 -2.42
C ASP B 145 22.77 10.36 -1.28
N GLU B 146 23.82 9.76 -0.70
CA GLU B 146 23.67 8.69 0.31
C GLU B 146 23.82 9.22 1.73
N ASP B 147 24.73 10.17 1.93
CA ASP B 147 24.89 10.79 3.25
C ASP B 147 23.87 11.90 3.50
N GLU B 148 23.19 12.34 2.45
CA GLU B 148 22.15 13.34 2.61
C GLU B 148 20.85 12.65 3.06
N TYR B 149 20.22 13.21 4.09
CA TYR B 149 18.93 12.75 4.55
C TYR B 149 17.90 13.87 4.56
N GLN B 150 16.64 13.56 4.24
CA GLN B 150 15.52 14.46 4.50
C GLN B 150 14.54 13.76 5.44
N LEU B 151 13.83 14.56 6.24
CA LEU B 151 12.85 14.08 7.19
C LEU B 151 11.48 14.47 6.69
N VAL B 152 10.60 13.48 6.55
CA VAL B 152 9.26 13.75 6.08
C VAL B 152 8.37 13.68 7.30
N ILE B 153 7.79 14.80 7.70
CA ILE B 153 6.89 14.81 8.86
C ILE B 153 5.48 14.57 8.37
N CYS B 154 4.78 13.67 9.05
CA CYS B 154 3.55 13.08 8.52
C CYS B 154 2.43 12.97 9.52
N HIS B 155 1.23 13.30 9.08
CA HIS B 155 0.02 12.90 9.76
C HIS B 155 -0.06 11.37 9.72
N GLY B 156 -0.70 10.80 10.75
CA GLY B 156 -0.85 9.35 10.85
C GLY B 156 -1.53 8.73 9.65
N ASN B 157 -2.53 9.41 9.08
CA ASN B 157 -3.22 8.89 7.91
CA ASN B 157 -3.22 8.88 7.90
C ASN B 157 -2.28 8.88 6.70
N VAL B 158 -1.30 9.79 6.70
CA VAL B 158 -0.33 9.85 5.62
C VAL B 158 0.69 8.72 5.79
N ILE B 159 1.30 8.63 6.98
CA ILE B 159 2.19 7.50 7.31
C ILE B 159 1.56 6.13 7.00
N ARG B 160 0.26 6.02 7.27
CA ARG B 160 -0.47 4.79 7.04
C ARG B 160 -0.54 4.47 5.57
N TYR B 161 -0.95 5.45 4.76
CA TYR B 161 -1.01 5.28 3.31
C TYR B 161 0.38 4.90 2.79
N PHE B 162 1.40 5.69 3.11
CA PHE B 162 2.76 5.39 2.65
C PHE B 162 3.19 3.97 2.96
N LEU B 163 3.00 3.55 4.20
CA LEU B 163 3.56 2.26 4.64
C LEU B 163 2.72 1.10 4.18
N CYS B 164 1.40 1.25 4.19
CA CYS B 164 0.55 0.19 3.61
C CYS B 164 0.97 -0.06 2.17
N ARG B 165 1.21 1.03 1.45
CA ARG B 165 1.58 0.94 0.05
C ARG B 165 3.03 0.46 -0.14
N ALA B 166 4.00 1.08 0.56
CA ALA B 166 5.41 0.70 0.37
C ALA B 166 5.70 -0.73 0.81
N LEU B 167 5.08 -1.16 1.90
CA LEU B 167 5.39 -2.47 2.47
C LEU B 167 4.36 -3.52 2.06
N GLN B 168 3.40 -3.12 1.24
CA GLN B 168 2.34 -4.05 0.78
C GLN B 168 1.70 -4.75 1.96
N ILE B 169 1.26 -3.98 2.93
CA ILE B 169 0.73 -4.53 4.15
C ILE B 169 -0.63 -5.17 3.88
N PRO B 170 -0.85 -6.38 4.38
CA PRO B 170 -2.11 -7.03 4.05
C PRO B 170 -3.30 -6.32 4.67
N LEU B 171 -4.42 -6.41 3.97
CA LEU B 171 -5.63 -5.79 4.42
C LEU B 171 -5.94 -6.25 5.85
N PHE B 172 -5.67 -7.51 6.15
CA PHE B 172 -5.87 -8.07 7.48
C PHE B 172 -5.37 -7.15 8.61
N ALA B 173 -4.17 -6.61 8.44
CA ALA B 173 -3.52 -5.84 9.50
C ALA B 173 -4.18 -4.47 9.67
N TRP B 174 -4.44 -3.80 8.56
CA TRP B 174 -5.06 -2.49 8.68
C TRP B 174 -6.59 -2.49 8.74
N LEU B 175 -7.21 -3.66 8.58
CA LEU B 175 -8.60 -3.80 9.02
C LEU B 175 -8.62 -3.73 10.53
N ARG B 176 -7.69 -4.41 11.19
CA ARG B 176 -7.68 -4.58 12.66
C ARG B 176 -6.91 -3.52 13.47
N PHE B 177 -6.04 -2.75 12.82
CA PHE B 177 -5.25 -1.68 13.49
C PHE B 177 -4.91 -0.53 12.53
N TYR B 180 -0.60 2.81 15.24
CA TYR B 180 0.89 2.81 15.13
C TYR B 180 1.59 3.49 16.33
N ASN B 181 2.40 2.72 17.06
CA ASN B 181 3.09 3.23 18.25
C ASN B 181 4.46 3.86 18.00
N CYS B 182 4.86 3.96 16.73
CA CYS B 182 6.20 4.46 16.40
C CYS B 182 6.15 5.89 15.91
N GLY B 183 7.14 6.68 16.34
CA GLY B 183 7.27 8.06 15.92
C GLY B 183 8.30 8.27 14.83
N ILE B 184 9.26 7.34 14.71
CA ILE B 184 10.24 7.37 13.62
C ILE B 184 10.19 6.04 12.89
N THR B 185 10.09 6.09 11.58
CA THR B 185 10.12 4.93 10.76
C THR B 185 11.11 5.18 9.66
N TRP B 186 12.13 4.38 9.58
CA TRP B 186 13.23 4.62 8.68
C TRP B 186 13.42 3.44 7.76
N LEU B 187 13.19 3.61 6.47
CA LEU B 187 13.35 2.51 5.56
C LEU B 187 14.61 2.57 4.75
N VAL B 188 15.12 1.42 4.37
CA VAL B 188 16.14 1.29 3.34
C VAL B 188 15.77 0.20 2.37
N LEU B 189 15.76 0.50 1.07
CA LEU B 189 15.56 -0.47 -0.02
C LEU B 189 16.74 -0.32 -0.93
N ASP B 190 16.86 -1.00 -2.08
CA ASP B 190 16.12 -2.14 -2.59
C ASP B 190 17.12 -3.21 -3.04
N GLY B 193 12.74 -5.78 -4.12
CA GLY B 193 11.87 -5.60 -2.94
C GLY B 193 12.53 -5.81 -1.57
N SER B 194 13.85 -5.62 -1.50
CA SER B 194 14.56 -5.77 -0.23
C SER B 194 14.31 -4.54 0.64
N VAL B 195 14.13 -4.77 1.93
CA VAL B 195 13.76 -3.70 2.86
C VAL B 195 14.31 -3.96 4.23
N VAL B 196 14.86 -2.92 4.83
CA VAL B 196 15.22 -2.94 6.23
C VAL B 196 14.45 -1.81 6.86
N LEU B 197 13.79 -2.08 7.96
CA LEU B 197 12.88 -1.11 8.53
C LEU B 197 13.34 -0.84 9.92
N ARG B 198 13.74 0.39 10.20
CA ARG B 198 14.09 0.78 11.57
C ARG B 198 12.96 1.61 12.15
N GLU B 199 12.35 1.09 13.22
CA GLU B 199 11.28 1.76 13.93
C GLU B 199 11.66 2.15 15.37
N PHE B 200 11.19 3.32 15.80
CA PHE B 200 11.43 3.84 17.16
C PHE B 200 10.09 4.23 17.67
N GLY B 201 9.78 3.79 18.88
CA GLY B 201 8.52 4.12 19.50
C GLY B 201 8.59 3.92 20.99
N SER B 202 7.42 3.87 21.59
CA SER B 202 7.29 3.47 22.96
C SER B 202 5.94 2.82 23.15
N VAL B 203 5.93 1.83 24.03
CA VAL B 203 4.74 1.10 24.42
C VAL B 203 4.68 1.12 25.95
N SER B 204 3.51 1.48 26.49
CA SER B 204 3.35 1.63 27.94
C SER B 204 4.50 2.51 28.53
N HIS B 205 4.78 3.63 27.85
CA HIS B 205 5.85 4.59 28.22
C HIS B 205 7.30 4.11 28.13
N LEU B 206 7.52 2.94 27.57
CA LEU B 206 8.87 2.37 27.49
C LEU B 206 9.39 2.50 26.06
N PRO B 207 10.47 3.27 25.86
CA PRO B 207 11.03 3.41 24.52
C PRO B 207 11.56 2.10 24.00
N PHE B 208 11.47 1.90 22.69
CA PHE B 208 12.08 0.75 22.09
C PHE B 208 12.57 1.13 20.72
N GLU B 209 13.53 0.38 20.23
CA GLU B 209 14.00 0.49 18.87
C GLU B 209 13.99 -0.89 18.26
N SER B 210 13.60 -1.00 17.00
CA SER B 210 13.50 -2.30 16.35
C SER B 210 14.01 -2.28 14.91
N VAL B 211 14.77 -3.29 14.51
CA VAL B 211 15.19 -3.42 13.13
C VAL B 211 14.48 -4.64 12.56
N THR B 212 13.82 -4.48 11.42
CA THR B 212 13.03 -5.54 10.83
C THR B 212 13.43 -5.80 9.38
N TYR B 213 13.64 -7.08 9.05
CA TYR B 213 14.08 -7.48 7.71
C TYR B 213 12.95 -8.15 6.97
N PHE B 214 12.73 -7.71 5.74
CA PHE B 214 11.84 -8.41 4.83
C PHE B 214 12.69 -9.24 3.90
C1 GOL C . -3.52 -13.71 6.51
O1 GOL C . -3.94 -14.61 7.50
C2 GOL C . -2.56 -12.68 7.10
O2 GOL C . -1.78 -12.16 6.03
C3 GOL C . -1.66 -13.27 8.18
O3 GOL C . -0.52 -12.46 8.41
P PO4 D . 4.16 0.82 -5.32
O1 PO4 D . 4.07 -0.63 -5.73
O2 PO4 D . 5.36 1.03 -4.41
O3 PO4 D . 4.32 1.66 -6.57
O4 PO4 D . 2.85 1.21 -4.68
P PO4 E . -1.59 13.10 13.75
O1 PO4 E . -0.39 12.39 13.16
O2 PO4 E . -2.46 12.06 14.42
O3 PO4 E . -1.14 14.15 14.75
O4 PO4 E . -2.40 13.81 12.72
C1 GOL F . -4.51 -11.15 17.03
O1 GOL F . -4.52 -9.75 16.91
C2 GOL F . -4.82 -11.73 15.67
O2 GOL F . -3.60 -11.79 14.95
C3 GOL F . -5.88 -10.86 14.96
O3 GOL F . -6.65 -10.08 15.86
C1 GOL G . 10.36 7.44 21.39
O1 GOL G . 11.33 7.01 22.32
C2 GOL G . 11.05 7.80 20.08
O2 GOL G . 11.77 9.00 20.26
C3 GOL G . 10.04 8.01 18.96
O3 GOL G . 9.27 9.15 19.25
#